data_6IAS
#
_entry.id   6IAS
#
_cell.length_a   48.657
_cell.length_b   61.101
_cell.length_c   84.138
_cell.angle_alpha   90.000
_cell.angle_beta   105.030
_cell.angle_gamma   90.000
#
_symmetry.space_group_name_H-M   'P 1 21 1'
#
loop_
_entity.id
_entity.type
_entity.pdbx_description
1 polymer 'Fab NKp46-1 heavy chain'
2 polymer 'Fab NKp46-1 light chain'
3 water water
#
loop_
_entity_poly.entity_id
_entity_poly.type
_entity_poly.pdbx_seq_one_letter_code
_entity_poly.pdbx_strand_id
1 'polypeptide(L)'
;QVQLVQSGAEVKKPGSSVKVSCKASGYTFSDYVINWVRQAPGQGLEWMGEIYPGSGTNYYNEKFKAKATITADKSTSTAY
MELSSLRSEDTAVYYCARRGRYGLYAMDYWGQGTTVTVSSASTKGPSVFPLAPSSKSTGGTAALGCLVKDYFPEPVTVSW
NSGALTGGVHTFPAVLQSSGLYSLSSVVTVPSSSTQTYICNVNHKPSNTKVDKRVEP
;
H
2 'polypeptide(L)'
;DIQMTQSPSSLSASVGDRVTITCRASQDISNYLNWYQQKPGKAPKLLIYYTSRLHSGVPSRFSGSGSGTDFTFTISSLQP
EDIATYFCQQGNTRPWTFGGGTKVEIKRTVAAPSVFIFPPSDEQLKSGTASVVCLLNNFYPREAKVQWKVDNALQSGNSQ
ESVTEQDSKDSTYSLSSTLTLSKADYEKHKVYACEVTHQGLSSPVTKSFNR
;
L
#
# COMPACT_ATOMS: atom_id res chain seq x y z
N GLN A 1 -22.77 2.48 -11.37
CA GLN A 1 -21.53 3.21 -11.61
C GLN A 1 -20.51 2.37 -12.42
N VAL A 2 -19.49 3.01 -13.02
CA VAL A 2 -18.45 2.28 -13.77
C VAL A 2 -17.56 1.50 -12.78
N GLN A 3 -17.33 0.20 -13.05
CA GLN A 3 -16.46 -0.63 -12.20
C GLN A 3 -15.59 -1.56 -13.04
N LEU A 4 -14.33 -1.71 -12.64
CA LEU A 4 -13.40 -2.65 -13.26
C LEU A 4 -12.90 -3.53 -12.13
N VAL A 5 -13.22 -4.84 -12.18
CA VAL A 5 -12.85 -5.78 -11.12
C VAL A 5 -11.87 -6.81 -11.67
N GLN A 6 -10.69 -6.84 -11.04
CA GLN A 6 -9.60 -7.72 -11.46
C GLN A 6 -9.50 -9.03 -10.69
N SER A 7 -8.87 -10.05 -11.34
CA SER A 7 -8.61 -11.36 -10.75
C SER A 7 -7.61 -11.27 -9.56
N GLY A 8 -7.60 -12.30 -8.70
CA GLY A 8 -6.77 -12.29 -7.50
C GLY A 8 -5.28 -12.47 -7.69
N ALA A 9 -4.50 -12.11 -6.66
CA ALA A 9 -3.05 -12.22 -6.60
C ALA A 9 -2.58 -13.67 -6.72
N GLU A 10 -1.42 -13.89 -7.36
CA GLU A 10 -0.87 -15.24 -7.56
C GLU A 10 0.64 -15.25 -7.53
N VAL A 11 1.20 -16.40 -7.08
CA VAL A 11 2.63 -16.66 -7.20
C VAL A 11 2.72 -17.61 -8.40
N LYS A 12 3.67 -17.36 -9.29
CA LYS A 12 3.85 -18.18 -10.47
C LYS A 12 5.31 -18.58 -10.57
N LYS A 13 5.60 -19.81 -11.00
CA LYS A 13 6.97 -20.30 -11.11
C LYS A 13 7.71 -19.62 -12.27
N PRO A 14 9.03 -19.34 -12.16
CA PRO A 14 9.74 -18.76 -13.33
C PRO A 14 9.60 -19.68 -14.55
N GLY A 15 9.35 -19.09 -15.72
CA GLY A 15 9.14 -19.83 -16.96
C GLY A 15 7.68 -20.04 -17.31
N SER A 16 6.79 -19.99 -16.29
CA SER A 16 5.35 -20.17 -16.48
C SER A 16 4.65 -18.95 -17.13
N SER A 17 3.34 -19.09 -17.37
CA SER A 17 2.49 -18.04 -17.91
C SER A 17 1.26 -17.85 -16.99
N VAL A 18 0.73 -16.62 -16.93
CA VAL A 18 -0.44 -16.28 -16.10
C VAL A 18 -1.40 -15.45 -16.95
N LYS A 19 -2.72 -15.69 -16.82
CA LYS A 19 -3.73 -14.92 -17.52
C LYS A 19 -4.51 -14.14 -16.46
N VAL A 20 -4.38 -12.81 -16.44
CA VAL A 20 -5.05 -11.92 -15.46
C VAL A 20 -6.30 -11.37 -16.14
N SER A 21 -7.41 -11.22 -15.39
CA SER A 21 -8.68 -10.75 -15.95
C SER A 21 -9.13 -9.39 -15.38
N CYS A 22 -9.99 -8.70 -16.12
CA CYS A 22 -10.55 -7.39 -15.78
C CYS A 22 -12.02 -7.37 -16.26
N LYS A 23 -12.96 -7.57 -15.32
CA LYS A 23 -14.39 -7.59 -15.58
C LYS A 23 -14.94 -6.18 -15.47
N ALA A 24 -15.49 -5.67 -16.56
CA ALA A 24 -16.06 -4.33 -16.62
C ALA A 24 -17.58 -4.38 -16.46
N SER A 25 -18.12 -3.36 -15.76
CA SER A 25 -19.56 -3.20 -15.47
C SER A 25 -19.90 -1.71 -15.49
N GLY A 26 -21.19 -1.40 -15.68
CA GLY A 26 -21.71 -0.04 -15.62
C GLY A 26 -21.65 0.84 -16.85
N TYR A 27 -21.26 0.26 -17.99
CA TYR A 27 -21.16 0.97 -19.26
C TYR A 27 -21.13 -0.01 -20.45
N THR A 28 -21.23 0.50 -21.67
CA THR A 28 -21.19 -0.33 -22.89
C THR A 28 -19.72 -0.71 -23.15
N PHE A 29 -19.38 -1.96 -22.88
CA PHE A 29 -18.00 -2.49 -22.97
C PHE A 29 -17.25 -2.13 -24.25
N SER A 30 -17.89 -2.27 -25.43
CA SER A 30 -17.26 -1.98 -26.73
C SER A 30 -16.98 -0.51 -26.98
N ASP A 31 -17.53 0.39 -26.14
CA ASP A 31 -17.34 1.82 -26.39
C ASP A 31 -16.08 2.41 -25.80
N TYR A 32 -15.37 1.67 -24.91
CA TYR A 32 -14.18 2.21 -24.29
C TYR A 32 -12.97 1.27 -24.42
N VAL A 33 -11.79 1.87 -24.54
CA VAL A 33 -10.53 1.13 -24.64
C VAL A 33 -10.12 0.67 -23.25
N ILE A 34 -9.63 -0.57 -23.14
CA ILE A 34 -9.06 -1.10 -21.90
C ILE A 34 -7.53 -1.09 -22.03
N ASN A 35 -6.86 -0.49 -21.05
CA ASN A 35 -5.40 -0.41 -20.95
C ASN A 35 -4.93 -1.35 -19.86
N TRP A 36 -3.68 -1.83 -19.97
CA TRP A 36 -2.99 -2.62 -18.95
C TRP A 36 -1.76 -1.83 -18.60
N VAL A 37 -1.56 -1.63 -17.29
CA VAL A 37 -0.48 -0.82 -16.75
C VAL A 37 0.24 -1.62 -15.66
N ARG A 38 1.57 -1.67 -15.72
CA ARG A 38 2.39 -2.38 -14.73
C ARG A 38 2.92 -1.38 -13.72
N GLN A 39 3.02 -1.85 -12.49
CA GLN A 39 3.67 -1.09 -11.45
C GLN A 39 4.60 -2.07 -10.71
N ALA A 40 5.86 -2.11 -11.17
CA ALA A 40 6.90 -3.00 -10.62
C ALA A 40 7.76 -2.23 -9.64
N PRO A 41 8.25 -2.89 -8.56
CA PRO A 41 9.13 -2.17 -7.61
C PRO A 41 10.29 -1.47 -8.32
N GLY A 42 10.41 -0.16 -8.08
CA GLY A 42 11.42 0.71 -8.64
C GLY A 42 11.29 1.12 -10.10
N GLN A 43 10.17 0.75 -10.78
CA GLN A 43 9.97 1.07 -12.21
C GLN A 43 8.84 2.09 -12.49
N GLY A 44 8.10 2.51 -11.45
CA GLY A 44 6.98 3.45 -11.56
C GLY A 44 5.79 2.83 -12.28
N LEU A 45 4.95 3.66 -12.96
CA LEU A 45 3.81 3.18 -13.76
C LEU A 45 4.26 3.07 -15.23
N GLU A 46 3.99 1.93 -15.86
CA GLU A 46 4.38 1.68 -17.25
C GLU A 46 3.20 1.13 -18.03
N TRP A 47 2.89 1.76 -19.17
CA TRP A 47 1.79 1.32 -20.00
C TRP A 47 2.25 0.12 -20.83
N MET A 48 1.51 -0.97 -20.76
CA MET A 48 1.85 -2.21 -21.46
C MET A 48 1.20 -2.35 -22.84
N GLY A 49 -0.07 -1.97 -22.92
CA GLY A 49 -0.84 -2.08 -24.15
C GLY A 49 -2.30 -1.83 -23.88
N GLU A 50 -3.06 -1.80 -24.95
CA GLU A 50 -4.49 -1.51 -24.86
C GLU A 50 -5.26 -2.30 -25.87
N ILE A 51 -6.57 -2.48 -25.64
CA ILE A 51 -7.42 -3.16 -26.59
C ILE A 51 -8.71 -2.37 -26.79
N TYR A 52 -9.17 -2.33 -28.03
CA TYR A 52 -10.46 -1.78 -28.49
C TYR A 52 -11.37 -2.99 -28.49
N PRO A 53 -12.20 -3.18 -27.43
CA PRO A 53 -13.03 -4.40 -27.34
C PRO A 53 -13.99 -4.64 -28.50
N GLY A 54 -14.44 -3.57 -29.17
CA GLY A 54 -15.38 -3.68 -30.30
C GLY A 54 -14.84 -4.50 -31.46
N SER A 55 -13.63 -4.19 -31.89
CA SER A 55 -12.93 -4.85 -33.01
C SER A 55 -11.86 -5.85 -32.56
N GLY A 56 -11.55 -5.89 -31.25
CA GLY A 56 -10.50 -6.73 -30.70
C GLY A 56 -9.11 -6.27 -31.12
N THR A 57 -8.96 -5.00 -31.55
CA THR A 57 -7.67 -4.44 -32.00
C THR A 57 -6.80 -4.04 -30.82
N ASN A 58 -5.57 -4.57 -30.77
CA ASN A 58 -4.62 -4.21 -29.72
C ASN A 58 -3.57 -3.24 -30.21
N TYR A 59 -2.96 -2.54 -29.26
CA TYR A 59 -1.75 -1.74 -29.48
C TYR A 59 -0.86 -1.99 -28.32
N TYR A 60 0.35 -2.47 -28.58
CA TYR A 60 1.28 -2.79 -27.52
C TYR A 60 2.34 -1.77 -27.39
N ASN A 61 2.82 -1.63 -26.16
CA ASN A 61 4.06 -0.91 -25.95
C ASN A 61 5.14 -1.93 -26.49
N GLU A 62 6.08 -1.46 -27.34
CA GLU A 62 7.15 -2.31 -27.91
C GLU A 62 7.96 -3.03 -26.81
N LYS A 63 8.15 -2.40 -25.62
CA LYS A 63 8.86 -2.97 -24.47
C LYS A 63 8.17 -4.25 -23.94
N PHE A 64 6.85 -4.37 -24.08
CA PHE A 64 6.08 -5.49 -23.52
C PHE A 64 5.48 -6.44 -24.55
N LYS A 65 5.64 -6.14 -25.85
CA LYS A 65 5.02 -6.91 -26.93
C LYS A 65 5.36 -8.43 -26.91
N ALA A 66 6.61 -8.83 -26.57
CA ALA A 66 6.95 -10.26 -26.50
C ALA A 66 6.30 -10.94 -25.28
N LYS A 67 6.22 -10.21 -24.16
CA LYS A 67 5.72 -10.67 -22.85
C LYS A 67 4.21 -10.80 -22.70
N ALA A 68 3.44 -9.83 -23.22
CA ALA A 68 2.02 -9.71 -22.96
C ALA A 68 1.13 -9.95 -24.14
N THR A 69 0.01 -10.63 -23.91
CA THR A 69 -1.01 -10.89 -24.92
C THR A 69 -2.32 -10.41 -24.34
N ILE A 70 -2.91 -9.40 -24.97
CA ILE A 70 -4.14 -8.79 -24.48
C ILE A 70 -5.29 -9.19 -25.35
N THR A 71 -6.39 -9.65 -24.71
CA THR A 71 -7.61 -10.05 -25.38
C THR A 71 -8.83 -9.48 -24.65
N ALA A 72 -9.99 -9.57 -25.29
CA ALA A 72 -11.25 -9.12 -24.71
C ALA A 72 -12.36 -10.03 -25.18
N ASP A 73 -13.33 -10.29 -24.29
CA ASP A 73 -14.49 -11.12 -24.59
C ASP A 73 -15.72 -10.26 -24.36
N LYS A 74 -16.33 -9.82 -25.46
CA LYS A 74 -17.51 -8.95 -25.50
C LYS A 74 -18.74 -9.54 -24.80
N SER A 75 -18.92 -10.86 -24.88
CA SER A 75 -20.07 -11.55 -24.30
C SER A 75 -20.06 -11.53 -22.77
N THR A 76 -18.87 -11.44 -22.16
CA THR A 76 -18.70 -11.43 -20.71
C THR A 76 -18.14 -10.09 -20.18
N SER A 77 -17.93 -9.09 -21.08
CA SER A 77 -17.39 -7.77 -20.73
C SER A 77 -16.07 -7.88 -19.94
N THR A 78 -15.21 -8.83 -20.35
CA THR A 78 -13.95 -9.08 -19.67
C THR A 78 -12.78 -8.87 -20.60
N ALA A 79 -11.77 -8.14 -20.12
CA ALA A 79 -10.50 -7.96 -20.81
C ALA A 79 -9.51 -8.88 -20.07
N TYR A 80 -8.50 -9.37 -20.79
CA TYR A 80 -7.47 -10.26 -20.25
C TYR A 80 -6.11 -9.82 -20.65
N MET A 81 -5.13 -10.18 -19.82
CA MET A 81 -3.74 -10.02 -20.15
C MET A 81 -2.99 -11.28 -19.75
N GLU A 82 -2.37 -11.93 -20.72
CA GLU A 82 -1.58 -13.14 -20.48
C GLU A 82 -0.10 -12.80 -20.53
N LEU A 83 0.63 -13.11 -19.47
CA LEU A 83 2.07 -12.84 -19.42
C LEU A 83 2.79 -14.16 -19.62
N SER A 84 3.78 -14.17 -20.53
CA SER A 84 4.56 -15.35 -20.93
C SER A 84 5.94 -15.35 -20.33
N SER A 85 6.60 -16.54 -20.27
CA SER A 85 8.00 -16.76 -19.85
C SER A 85 8.31 -15.91 -18.64
N LEU A 86 7.52 -16.08 -17.58
CA LEU A 86 7.64 -15.27 -16.38
C LEU A 86 9.02 -15.33 -15.75
N ARG A 87 9.54 -14.15 -15.41
CA ARG A 87 10.84 -14.03 -14.74
C ARG A 87 10.65 -13.16 -13.49
N SER A 88 11.63 -13.18 -12.58
CA SER A 88 11.60 -12.40 -11.35
C SER A 88 11.22 -10.92 -11.58
N GLU A 89 11.70 -10.33 -12.68
CA GLU A 89 11.47 -8.95 -13.09
C GLU A 89 10.00 -8.65 -13.41
N ASP A 90 9.17 -9.72 -13.60
CA ASP A 90 7.74 -9.57 -13.88
C ASP A 90 6.91 -9.44 -12.59
N THR A 91 7.54 -9.62 -11.39
CA THR A 91 6.85 -9.44 -10.11
C THR A 91 6.41 -7.97 -10.04
N ALA A 92 5.09 -7.76 -9.97
CA ALA A 92 4.53 -6.40 -10.02
C ALA A 92 3.05 -6.43 -9.73
N VAL A 93 2.48 -5.24 -9.58
CA VAL A 93 1.06 -5.05 -9.51
C VAL A 93 0.64 -4.69 -10.96
N TYR A 94 -0.35 -5.38 -11.49
CA TYR A 94 -0.88 -5.12 -12.83
C TYR A 94 -2.26 -4.50 -12.70
N TYR A 95 -2.49 -3.35 -13.35
CA TYR A 95 -3.78 -2.68 -13.36
C TYR A 95 -4.41 -2.72 -14.72
N CYS A 96 -5.73 -2.84 -14.76
CA CYS A 96 -6.47 -2.53 -15.97
C CYS A 96 -7.10 -1.13 -15.71
N ALA A 97 -7.27 -0.34 -16.79
CA ALA A 97 -7.78 1.02 -16.68
C ALA A 97 -8.44 1.38 -17.99
N ARG A 98 -9.61 1.98 -17.90
CA ARG A 98 -10.40 2.38 -19.04
C ARG A 98 -9.96 3.72 -19.60
N ARG A 99 -9.90 3.84 -20.94
CA ARG A 99 -9.60 5.13 -21.56
C ARG A 99 -10.92 5.79 -21.77
N GLY A 100 -11.05 7.04 -21.32
CA GLY A 100 -12.28 7.82 -21.44
C GLY A 100 -12.75 7.94 -22.87
N ARG A 101 -13.92 8.55 -23.06
CA ARG A 101 -14.52 8.78 -24.37
C ARG A 101 -13.73 9.83 -25.17
N TYR A 102 -13.94 9.89 -26.52
CA TYR A 102 -13.25 10.83 -27.41
C TYR A 102 -13.33 12.26 -26.87
N GLY A 103 -12.16 12.83 -26.57
CA GLY A 103 -12.01 14.15 -25.96
C GLY A 103 -11.39 14.04 -24.58
N LEU A 104 -11.49 12.84 -24.00
CA LEU A 104 -10.95 12.45 -22.69
C LEU A 104 -10.01 11.28 -22.95
N TYR A 105 -8.81 11.63 -23.42
CA TYR A 105 -7.73 10.70 -23.70
C TYR A 105 -6.97 10.50 -22.42
N ALA A 106 -7.65 9.90 -21.45
CA ALA A 106 -7.13 9.67 -20.11
C ALA A 106 -7.75 8.41 -19.52
N MET A 107 -7.09 7.85 -18.51
CA MET A 107 -7.58 6.62 -17.89
C MET A 107 -8.48 7.02 -16.73
N ASP A 108 -9.80 7.08 -16.96
CA ASP A 108 -10.74 7.63 -15.99
C ASP A 108 -11.16 6.67 -14.86
N TYR A 109 -11.15 5.35 -15.12
CA TYR A 109 -11.48 4.33 -14.13
C TYR A 109 -10.46 3.24 -14.13
N TRP A 110 -10.06 2.79 -12.94
CA TRP A 110 -9.04 1.77 -12.79
C TRP A 110 -9.54 0.62 -11.96
N GLY A 111 -9.04 -0.56 -12.29
CA GLY A 111 -9.23 -1.77 -11.50
C GLY A 111 -8.39 -1.63 -10.25
N GLN A 112 -8.58 -2.53 -9.28
CA GLN A 112 -7.87 -2.50 -7.99
C GLN A 112 -6.43 -3.09 -8.04
N GLY A 113 -6.02 -3.61 -9.20
CA GLY A 113 -4.70 -4.19 -9.38
C GLY A 113 -4.64 -5.66 -8.98
N THR A 114 -3.74 -6.40 -9.63
CA THR A 114 -3.49 -7.83 -9.37
C THR A 114 -2.01 -7.99 -9.10
N THR A 115 -1.66 -8.50 -7.91
CA THR A 115 -0.25 -8.66 -7.55
C THR A 115 0.23 -9.99 -8.08
N VAL A 116 1.12 -9.99 -9.09
CA VAL A 116 1.68 -11.22 -9.65
C VAL A 116 3.08 -11.37 -9.09
N THR A 117 3.35 -12.45 -8.30
CA THR A 117 4.69 -12.66 -7.74
C THR A 117 5.36 -13.81 -8.50
N VAL A 118 6.57 -13.59 -9.02
CA VAL A 118 7.26 -14.67 -9.73
C VAL A 118 8.28 -15.27 -8.77
N SER A 119 8.01 -16.50 -8.32
CA SER A 119 8.88 -17.21 -7.37
C SER A 119 8.73 -18.73 -7.46
N SER A 120 9.74 -19.47 -6.99
CA SER A 120 9.66 -20.94 -6.94
C SER A 120 9.02 -21.37 -5.60
N ALA A 121 8.88 -20.41 -4.66
CA ALA A 121 8.29 -20.67 -3.35
C ALA A 121 6.80 -20.93 -3.48
N SER A 122 6.28 -21.86 -2.67
CA SER A 122 4.86 -22.20 -2.71
C SER A 122 4.03 -21.17 -1.94
N THR A 123 2.75 -21.06 -2.30
CA THR A 123 1.83 -20.18 -1.57
C THR A 123 1.70 -20.73 -0.13
N LYS A 124 1.64 -19.83 0.85
CA LYS A 124 1.50 -20.21 2.25
C LYS A 124 0.58 -19.24 2.99
N GLY A 125 -0.44 -19.79 3.63
CA GLY A 125 -1.39 -19.02 4.40
C GLY A 125 -0.80 -18.59 5.74
N PRO A 126 -1.29 -17.47 6.31
CA PRO A 126 -0.73 -17.01 7.59
C PRO A 126 -1.24 -17.72 8.83
N SER A 127 -0.46 -17.64 9.91
CA SER A 127 -0.88 -18.04 11.24
C SER A 127 -1.30 -16.71 11.85
N VAL A 128 -2.43 -16.67 12.57
CA VAL A 128 -2.90 -15.41 13.16
C VAL A 128 -2.87 -15.53 14.68
N PHE A 129 -2.12 -14.66 15.34
CA PHE A 129 -1.98 -14.68 16.80
C PHE A 129 -2.54 -13.41 17.44
N PRO A 130 -3.14 -13.49 18.64
CA PRO A 130 -3.64 -12.25 19.28
C PRO A 130 -2.53 -11.44 19.92
N LEU A 131 -2.71 -10.10 19.91
CA LEU A 131 -1.83 -9.14 20.58
C LEU A 131 -2.73 -8.56 21.64
N ALA A 132 -2.82 -9.28 22.76
CA ALA A 132 -3.70 -8.95 23.87
C ALA A 132 -3.35 -7.65 24.57
N PRO A 133 -4.38 -6.85 24.93
CA PRO A 133 -4.14 -5.59 25.66
C PRO A 133 -3.52 -5.85 27.04
N SER A 134 -2.42 -5.13 27.36
CA SER A 134 -1.71 -5.24 28.65
C SER A 134 -2.66 -5.01 29.82
N SER A 135 -2.45 -5.73 30.93
CA SER A 135 -3.29 -5.61 32.13
C SER A 135 -2.97 -4.31 32.90
N LYS A 136 -2.01 -3.53 32.38
CA LYS A 136 -1.57 -2.27 32.97
C LYS A 136 -2.07 -1.09 32.14
N SER A 137 -1.85 0.14 32.68
CA SER A 137 -2.26 1.42 32.08
C SER A 137 -3.75 1.41 31.70
N THR A 138 -4.60 1.41 32.72
CA THR A 138 -6.06 1.49 32.56
C THR A 138 -6.60 2.52 33.54
N GLY A 139 -4.90 5.86 31.57
CA GLY A 139 -5.42 7.15 31.12
C GLY A 139 -6.57 6.99 30.15
N GLY A 140 -7.03 5.76 30.04
CA GLY A 140 -8.11 5.45 29.12
C GLY A 140 -7.64 4.80 27.85
N THR A 141 -6.53 5.22 27.23
CA THR A 141 -6.16 4.55 25.96
C THR A 141 -5.31 3.28 26.14
N ALA A 142 -5.79 2.18 25.54
CA ALA A 142 -5.13 0.89 25.49
C ALA A 142 -4.92 0.50 24.03
N ALA A 143 -4.09 -0.51 23.77
CA ALA A 143 -3.85 -1.01 22.42
C ALA A 143 -3.96 -2.51 22.40
N LEU A 144 -4.47 -3.04 21.28
CA LEU A 144 -4.60 -4.46 21.02
C LEU A 144 -4.47 -4.70 19.53
N GLY A 145 -4.22 -5.95 19.15
CA GLY A 145 -4.08 -6.26 17.74
C GLY A 145 -3.99 -7.74 17.41
N CYS A 146 -3.55 -8.00 16.17
CA CYS A 146 -3.35 -9.32 15.62
C CYS A 146 -2.03 -9.40 14.90
N LEU A 147 -1.29 -10.47 15.15
CA LEU A 147 -0.03 -10.72 14.45
C LEU A 147 -0.37 -11.71 13.34
N VAL A 148 -0.11 -11.33 12.10
CA VAL A 148 -0.38 -12.11 10.89
C VAL A 148 0.99 -12.54 10.38
N LYS A 149 1.42 -13.75 10.76
CA LYS A 149 2.77 -14.24 10.50
C LYS A 149 2.92 -15.35 9.49
N ASP A 150 4.05 -15.32 8.74
CA ASP A 150 4.53 -16.38 7.85
C ASP A 150 3.60 -16.73 6.71
N TYR A 151 3.34 -15.75 5.87
CA TYR A 151 2.51 -15.97 4.69
C TYR A 151 3.27 -15.60 3.44
N PHE A 152 2.82 -16.14 2.29
CA PHE A 152 3.43 -15.85 1.00
C PHE A 152 2.45 -16.18 -0.12
N PRO A 153 2.36 -15.37 -1.20
CA PRO A 153 3.00 -14.06 -1.42
C PRO A 153 2.14 -12.96 -0.78
N GLU A 154 2.45 -11.70 -1.10
CA GLU A 154 1.60 -10.61 -0.68
C GLU A 154 0.38 -10.60 -1.65
N PRO A 155 -0.76 -10.00 -1.29
CA PRO A 155 -1.05 -9.27 -0.06
C PRO A 155 -1.97 -10.04 0.88
N VAL A 156 -2.14 -9.49 2.06
CA VAL A 156 -3.09 -9.93 3.07
C VAL A 156 -3.95 -8.69 3.42
N THR A 157 -5.22 -8.89 3.76
CA THR A 157 -6.08 -7.80 4.21
C THR A 157 -6.53 -8.13 5.61
N VAL A 158 -6.67 -7.08 6.43
CA VAL A 158 -7.13 -7.16 7.81
C VAL A 158 -8.23 -6.12 8.03
N SER A 159 -9.36 -6.55 8.58
CA SER A 159 -10.46 -5.68 8.99
C SER A 159 -10.72 -6.00 10.45
N TRP A 160 -11.42 -5.11 11.17
CA TRP A 160 -11.79 -5.29 12.57
C TRP A 160 -13.28 -5.21 12.69
N ASN A 161 -13.87 -6.14 13.46
CA ASN A 161 -15.31 -6.26 13.71
C ASN A 161 -16.13 -6.26 12.40
N SER A 162 -15.63 -7.02 11.39
CA SER A 162 -16.20 -7.20 10.06
C SER A 162 -16.32 -5.89 9.25
N GLY A 163 -15.47 -4.91 9.57
CA GLY A 163 -15.40 -3.61 8.90
C GLY A 163 -16.07 -2.47 9.66
N ALA A 164 -16.66 -2.78 10.83
CA ALA A 164 -17.35 -1.79 11.68
C ALA A 164 -16.38 -0.90 12.46
N LEU A 165 -15.17 -1.40 12.78
CA LEU A 165 -14.14 -0.66 13.52
C LEU A 165 -13.03 -0.19 12.57
N THR A 166 -12.96 1.13 12.33
CA THR A 166 -11.98 1.75 11.43
C THR A 166 -11.09 2.78 12.12
N GLY A 167 -11.65 3.50 13.09
CA GLY A 167 -10.95 4.53 13.86
C GLY A 167 -9.92 3.96 14.82
N GLY A 168 -8.70 4.47 14.73
CA GLY A 168 -7.57 4.02 15.54
C GLY A 168 -6.90 2.77 15.01
N VAL A 169 -7.34 2.28 13.83
CA VAL A 169 -6.79 1.08 13.19
C VAL A 169 -5.52 1.37 12.41
N HIS A 170 -4.47 0.60 12.69
CA HIS A 170 -3.21 0.70 11.97
C HIS A 170 -2.78 -0.67 11.53
N THR A 171 -2.88 -0.93 10.22
CA THR A 171 -2.41 -2.19 9.64
C THR A 171 -1.09 -1.87 9.00
N PHE A 172 -0.03 -2.39 9.61
CA PHE A 172 1.32 -2.12 9.14
C PHE A 172 1.65 -2.73 7.81
N PRO A 173 2.51 -2.07 7.01
CA PRO A 173 2.96 -2.70 5.76
C PRO A 173 3.72 -3.97 6.14
N ALA A 174 3.56 -5.00 5.30
CA ALA A 174 4.23 -6.28 5.50
C ALA A 174 5.76 -6.13 5.47
N VAL A 175 6.44 -6.95 6.27
CA VAL A 175 7.90 -7.03 6.27
C VAL A 175 8.29 -8.41 5.81
N LEU A 176 9.21 -8.46 4.84
CA LEU A 176 9.70 -9.73 4.33
C LEU A 176 10.75 -10.22 5.30
N GLN A 177 10.44 -11.33 6.01
CA GLN A 177 11.36 -11.92 6.99
C GLN A 177 12.50 -12.63 6.25
N SER A 178 13.62 -12.92 6.97
CA SER A 178 14.76 -13.59 6.35
C SER A 178 14.39 -14.95 5.74
N SER A 179 13.37 -15.64 6.31
CA SER A 179 12.86 -16.93 5.84
C SER A 179 12.23 -16.89 4.43
N GLY A 180 11.94 -15.70 3.92
CA GLY A 180 11.27 -15.48 2.64
C GLY A 180 9.77 -15.36 2.77
N LEU A 181 9.25 -15.38 4.02
CA LEU A 181 7.81 -15.25 4.31
C LEU A 181 7.53 -13.88 4.92
N TYR A 182 6.34 -13.35 4.64
CA TYR A 182 5.94 -12.04 5.15
C TYR A 182 5.31 -12.13 6.51
N SER A 183 5.32 -11.00 7.23
CA SER A 183 4.65 -10.86 8.50
C SER A 183 4.23 -9.42 8.69
N LEU A 184 3.14 -9.22 9.41
CA LEU A 184 2.63 -7.90 9.75
C LEU A 184 1.74 -7.95 10.97
N SER A 185 1.56 -6.79 11.62
CA SER A 185 0.63 -6.66 12.70
C SER A 185 -0.43 -5.64 12.32
N SER A 186 -1.64 -5.82 12.85
CA SER A 186 -2.74 -4.87 12.70
C SER A 186 -3.14 -4.53 14.12
N VAL A 187 -3.06 -3.24 14.46
CA VAL A 187 -3.33 -2.76 15.81
C VAL A 187 -4.50 -1.77 15.84
N VAL A 188 -5.03 -1.51 17.04
CA VAL A 188 -6.13 -0.58 17.27
C VAL A 188 -6.05 0.01 18.68
N THR A 189 -6.06 1.35 18.77
CA THR A 189 -6.06 2.02 20.09
C THR A 189 -7.50 2.24 20.48
N VAL A 190 -7.87 1.77 21.67
CA VAL A 190 -9.24 1.85 22.20
C VAL A 190 -9.27 2.56 23.56
N PRO A 191 -10.38 3.25 23.94
CA PRO A 191 -10.42 3.93 25.23
C PRO A 191 -10.66 3.02 26.45
N SER A 192 -9.82 1.94 26.61
CA SER A 192 -9.79 0.99 27.74
C SER A 192 -11.17 0.51 28.16
N SER A 193 -12.04 0.29 27.16
CA SER A 193 -13.41 -0.19 27.33
C SER A 193 -13.42 -1.61 27.91
N SER A 194 -12.63 -2.53 27.28
CA SER A 194 -12.48 -3.92 27.72
C SER A 194 -11.01 -4.27 27.92
N THR A 195 -17.56 -2.79 28.30
CA THR A 195 -16.78 -3.90 27.75
C THR A 195 -17.23 -4.19 26.31
N GLN A 196 -16.25 -4.24 25.37
CA GLN A 196 -16.51 -4.48 23.94
C GLN A 196 -15.62 -5.58 23.36
N THR A 197 -16.17 -6.35 22.41
CA THR A 197 -15.47 -7.45 21.74
C THR A 197 -14.68 -6.96 20.53
N TYR A 198 -13.46 -7.51 20.34
CA TYR A 198 -12.59 -7.15 19.21
C TYR A 198 -12.19 -8.40 18.43
N ILE A 199 -12.53 -8.40 17.12
CA ILE A 199 -12.24 -9.53 16.23
C ILE A 199 -11.53 -9.04 14.97
N CYS A 200 -10.32 -9.54 14.73
CA CYS A 200 -9.62 -9.18 13.50
C CYS A 200 -9.97 -10.22 12.44
N ASN A 201 -10.27 -9.75 11.21
CA ASN A 201 -10.63 -10.60 10.09
C ASN A 201 -9.52 -10.57 9.09
N VAL A 202 -8.84 -11.71 8.97
CA VAL A 202 -7.69 -11.84 8.09
C VAL A 202 -8.06 -12.61 6.83
N ASN A 203 -7.76 -12.01 5.68
CA ASN A 203 -7.98 -12.66 4.40
C ASN A 203 -6.69 -12.66 3.56
N HIS A 204 -6.18 -13.86 3.26
CA HIS A 204 -5.03 -14.05 2.39
C HIS A 204 -5.55 -14.74 1.14
N LYS A 205 -5.93 -13.94 0.14
CA LYS A 205 -6.53 -14.45 -1.09
C LYS A 205 -5.62 -15.44 -1.85
N PRO A 206 -4.28 -15.24 -2.00
CA PRO A 206 -3.50 -16.25 -2.73
C PRO A 206 -3.62 -17.69 -2.23
N SER A 207 -3.80 -17.89 -0.90
CA SER A 207 -3.93 -19.23 -0.31
C SER A 207 -5.39 -19.55 0.03
N ASN A 208 -6.32 -18.58 -0.24
CA ASN A 208 -7.75 -18.68 0.09
C ASN A 208 -7.90 -18.90 1.62
N THR A 209 -7.00 -18.29 2.42
CA THR A 209 -7.06 -18.43 3.86
C THR A 209 -7.89 -17.30 4.46
N LYS A 210 -8.88 -17.66 5.28
CA LYS A 210 -9.71 -16.69 5.99
C LYS A 210 -9.68 -17.09 7.45
N VAL A 211 -9.34 -16.14 8.33
CA VAL A 211 -9.23 -16.37 9.76
C VAL A 211 -9.90 -15.23 10.51
N ASP A 212 -10.72 -15.56 11.52
CA ASP A 212 -11.32 -14.59 12.42
C ASP A 212 -10.68 -14.82 13.79
N LYS A 213 -9.94 -13.83 14.32
CA LYS A 213 -9.30 -13.97 15.63
C LYS A 213 -9.84 -13.02 16.68
N ARG A 214 -10.31 -13.58 17.80
CA ARG A 214 -10.83 -12.83 18.95
C ARG A 214 -9.64 -12.41 19.81
N VAL A 215 -9.53 -11.11 20.08
CA VAL A 215 -8.44 -10.53 20.89
C VAL A 215 -9.03 -10.12 22.24
N GLU A 216 -8.83 -10.97 23.26
CA GLU A 216 -9.36 -10.82 24.62
C GLU A 216 -8.32 -10.30 25.63
N PRO A 217 -8.75 -9.48 26.63
CA PRO A 217 -7.81 -9.00 27.65
C PRO A 217 -7.35 -10.10 28.61
N ASP B 1 10.18 7.20 -27.91
CA ASP B 1 9.12 7.41 -26.92
C ASP B 1 9.22 8.78 -26.29
N ILE B 2 8.12 9.27 -25.76
CA ILE B 2 8.08 10.55 -25.09
C ILE B 2 8.41 10.33 -23.63
N GLN B 3 9.53 10.88 -23.18
CA GLN B 3 9.96 10.77 -21.79
C GLN B 3 9.31 11.88 -20.99
N MET B 4 8.75 11.53 -19.84
CA MET B 4 8.12 12.48 -18.92
C MET B 4 8.97 12.62 -17.70
N THR B 5 9.44 13.83 -17.42
CA THR B 5 10.27 14.10 -16.25
C THR B 5 9.46 14.91 -15.27
N GLN B 6 9.36 14.41 -14.04
CA GLN B 6 8.66 15.08 -12.96
C GLN B 6 9.62 15.66 -11.94
N SER B 7 9.27 16.84 -11.41
CA SER B 7 10.04 17.52 -10.39
C SER B 7 9.13 18.12 -9.30
N PRO B 8 9.47 17.99 -7.99
CA PRO B 8 10.60 17.22 -7.41
C PRO B 8 10.21 15.73 -7.32
N SER B 9 11.11 14.85 -6.88
CA SER B 9 10.74 13.43 -6.70
C SER B 9 9.90 13.27 -5.41
N SER B 10 10.07 14.20 -4.46
CA SER B 10 9.33 14.23 -3.20
C SER B 10 9.34 15.61 -2.61
N LEU B 11 8.32 15.90 -1.79
CA LEU B 11 8.22 17.21 -1.14
C LEU B 11 7.45 17.11 0.17
N SER B 12 7.69 18.06 1.08
CA SER B 12 7.01 18.16 2.36
C SER B 12 6.47 19.59 2.50
N ALA B 13 5.20 19.72 2.88
CA ALA B 13 4.57 21.03 3.11
C ALA B 13 3.57 20.95 4.28
N SER B 14 3.21 22.09 4.86
CA SER B 14 2.25 22.11 5.97
C SER B 14 0.84 22.16 5.43
N VAL B 15 -0.14 21.75 6.23
CA VAL B 15 -1.56 21.85 5.88
C VAL B 15 -1.86 23.35 5.59
N GLY B 16 -2.49 23.61 4.46
CA GLY B 16 -2.88 24.94 4.04
C GLY B 16 -1.91 25.62 3.10
N ASP B 17 -0.71 25.05 2.91
CA ASP B 17 0.30 25.60 2.01
C ASP B 17 0.03 25.20 0.58
N ARG B 18 0.49 26.04 -0.34
CA ARG B 18 0.39 25.77 -1.78
C ARG B 18 1.50 24.76 -2.12
N VAL B 19 1.15 23.74 -2.90
CA VAL B 19 2.08 22.71 -3.35
C VAL B 19 2.12 22.81 -4.87
N THR B 20 3.33 22.81 -5.47
CA THR B 20 3.51 22.86 -6.92
C THR B 20 4.40 21.69 -7.36
N ILE B 21 3.95 20.97 -8.38
CA ILE B 21 4.68 19.85 -8.98
C ILE B 21 4.75 20.17 -10.47
N THR B 22 5.88 19.90 -11.09
CA THR B 22 6.00 20.12 -12.52
C THR B 22 6.28 18.84 -13.28
N CYS B 23 6.06 18.89 -14.58
CA CYS B 23 6.22 17.78 -15.49
C CYS B 23 6.66 18.37 -16.85
N ARG B 24 7.72 17.81 -17.42
CA ARG B 24 8.21 18.19 -18.72
C ARG B 24 8.20 16.97 -19.64
N ALA B 25 7.62 17.14 -20.84
CA ALA B 25 7.57 16.12 -21.87
C ALA B 25 8.80 16.36 -22.76
N SER B 26 9.43 15.26 -23.24
CA SER B 26 10.61 15.33 -24.10
C SER B 26 10.29 15.90 -25.51
N GLN B 27 8.98 15.97 -25.87
CA GLN B 27 8.47 16.51 -27.14
C GLN B 27 7.16 17.24 -26.86
N ASP B 28 6.72 18.10 -27.79
CA ASP B 28 5.44 18.80 -27.68
C ASP B 28 4.30 17.77 -27.65
N ILE B 29 3.45 17.84 -26.63
CA ILE B 29 2.32 16.89 -26.48
C ILE B 29 1.01 17.64 -26.51
N SER B 30 1.05 18.90 -27.01
CA SER B 30 -0.08 19.83 -27.09
C SER B 30 -0.59 19.99 -25.63
N ASN B 31 -1.82 19.58 -25.39
CA ASN B 31 -2.40 19.63 -24.06
C ASN B 31 -2.86 18.24 -23.58
N TYR B 32 -2.39 17.15 -24.24
CA TYR B 32 -2.77 15.79 -23.85
C TYR B 32 -1.92 15.31 -22.67
N LEU B 33 -2.14 15.93 -21.50
CA LEU B 33 -1.40 15.68 -20.27
C LEU B 33 -2.38 15.51 -19.10
N ASN B 34 -2.24 14.39 -18.38
CA ASN B 34 -3.11 13.97 -17.29
C ASN B 34 -2.33 13.83 -16.03
N TRP B 35 -3.00 14.00 -14.90
CA TRP B 35 -2.40 13.87 -13.57
C TRP B 35 -3.24 12.89 -12.77
N TYR B 36 -2.54 11.96 -12.12
CA TYR B 36 -3.15 10.92 -11.27
C TYR B 36 -2.60 11.02 -9.86
N GLN B 37 -3.43 10.60 -8.88
CA GLN B 37 -3.08 10.56 -7.48
C GLN B 37 -3.14 9.10 -7.07
N GLN B 38 -2.11 8.62 -6.41
CA GLN B 38 -2.07 7.24 -5.94
C GLN B 38 -1.71 7.18 -4.47
N LYS B 39 -2.63 6.63 -3.69
CA LYS B 39 -2.41 6.41 -2.26
C LYS B 39 -1.83 4.99 -2.12
N PRO B 40 -0.93 4.71 -1.13
CA PRO B 40 -0.34 3.35 -1.06
C PRO B 40 -1.34 2.20 -0.97
N GLY B 41 -1.07 1.17 -1.77
CA GLY B 41 -1.91 -0.03 -1.87
C GLY B 41 -3.17 0.17 -2.67
N LYS B 42 -3.37 1.39 -3.22
CA LYS B 42 -4.59 1.71 -3.98
C LYS B 42 -4.24 2.02 -5.42
N ALA B 43 -5.22 1.85 -6.30
CA ALA B 43 -5.08 2.15 -7.71
C ALA B 43 -4.93 3.67 -7.91
N PRO B 44 -4.18 4.10 -8.94
CA PRO B 44 -4.14 5.55 -9.24
C PRO B 44 -5.55 6.03 -9.58
N LYS B 45 -5.82 7.30 -9.26
CA LYS B 45 -7.11 7.95 -9.50
C LYS B 45 -6.86 9.15 -10.41
N LEU B 46 -7.65 9.29 -11.47
CA LEU B 46 -7.52 10.45 -12.36
C LEU B 46 -7.97 11.73 -11.61
N LEU B 47 -7.11 12.75 -11.55
CA LEU B 47 -7.49 14.04 -10.95
C LEU B 47 -7.75 15.06 -12.03
N ILE B 48 -6.79 15.19 -12.97
CA ILE B 48 -6.86 16.20 -14.02
C ILE B 48 -6.57 15.58 -15.36
N TYR B 49 -7.31 15.99 -16.38
CA TYR B 49 -7.01 15.53 -17.72
C TYR B 49 -7.01 16.71 -18.68
N TYR B 50 -6.37 16.52 -19.85
CA TYR B 50 -6.23 17.54 -20.88
C TYR B 50 -5.69 18.86 -20.27
N THR B 51 -4.59 18.72 -19.46
CA THR B 51 -3.86 19.79 -18.76
C THR B 51 -4.60 20.39 -17.56
N SER B 52 -5.87 20.82 -17.74
CA SER B 52 -6.56 21.62 -16.71
C SER B 52 -7.96 21.17 -16.30
N ARG B 53 -8.52 20.14 -16.95
CA ARG B 53 -9.88 19.72 -16.63
C ARG B 53 -9.95 18.81 -15.43
N LEU B 54 -10.76 19.19 -14.44
CA LEU B 54 -10.93 18.37 -13.23
C LEU B 54 -11.84 17.19 -13.52
N HIS B 55 -11.45 16.02 -13.03
CA HIS B 55 -12.29 14.83 -13.17
C HIS B 55 -13.37 14.88 -12.09
N SER B 56 -14.41 14.02 -12.20
CA SER B 56 -15.52 13.95 -11.24
C SER B 56 -14.94 13.61 -9.87
N GLY B 57 -15.51 14.21 -8.83
CA GLY B 57 -15.15 13.93 -7.43
C GLY B 57 -13.86 14.59 -6.99
N VAL B 58 -13.33 15.49 -7.80
CA VAL B 58 -12.06 16.17 -7.50
C VAL B 58 -12.30 17.62 -7.07
N PRO B 59 -11.90 17.99 -5.84
CA PRO B 59 -12.09 19.41 -5.43
C PRO B 59 -11.20 20.37 -6.22
N SER B 60 -11.67 21.60 -6.39
CA SER B 60 -10.99 22.62 -7.17
C SER B 60 -9.72 23.17 -6.51
N ARG B 61 -9.30 22.64 -5.34
CA ARG B 61 -8.00 23.02 -4.76
C ARG B 61 -6.90 22.44 -5.67
N PHE B 62 -7.26 21.42 -6.49
CA PHE B 62 -6.36 20.83 -7.48
C PHE B 62 -6.57 21.59 -8.77
N SER B 63 -5.46 21.94 -9.43
CA SER B 63 -5.49 22.60 -10.73
C SER B 63 -4.25 22.21 -11.55
N GLY B 64 -4.37 22.40 -12.85
CA GLY B 64 -3.29 22.09 -13.77
C GLY B 64 -3.18 23.15 -14.84
N SER B 65 -1.96 23.40 -15.29
CA SER B 65 -1.71 24.38 -16.34
C SER B 65 -0.52 23.92 -17.16
N GLY B 66 -0.30 24.62 -18.27
CA GLY B 66 0.83 24.35 -19.15
C GLY B 66 0.43 24.25 -20.60
N SER B 67 1.42 24.02 -21.42
CA SER B 67 1.30 23.89 -22.88
C SER B 67 2.62 23.41 -23.37
N GLY B 68 2.61 22.76 -24.53
CA GLY B 68 3.81 22.27 -25.18
C GLY B 68 4.50 21.18 -24.41
N THR B 69 5.70 21.48 -23.89
CA THR B 69 6.45 20.49 -23.12
C THR B 69 6.33 20.66 -21.60
N ASP B 70 6.03 21.87 -21.09
CA ASP B 70 6.05 22.17 -19.65
C ASP B 70 4.69 22.34 -19.00
N PHE B 71 4.48 21.58 -17.93
CA PHE B 71 3.21 21.51 -17.20
C PHE B 71 3.40 21.67 -15.71
N THR B 72 2.36 22.19 -15.06
CA THR B 72 2.34 22.44 -13.63
C THR B 72 1.06 21.88 -13.02
N PHE B 73 1.21 21.21 -11.90
CA PHE B 73 0.12 20.69 -11.10
C PHE B 73 0.19 21.43 -9.77
N THR B 74 -0.94 21.97 -9.33
CA THR B 74 -0.99 22.75 -8.10
C THR B 74 -2.06 22.29 -7.16
N ILE B 75 -1.73 22.23 -5.86
CA ILE B 75 -2.67 22.03 -4.77
C ILE B 75 -2.66 23.40 -4.06
N SER B 76 -3.77 24.18 -4.19
CA SER B 76 -3.81 25.56 -3.65
C SER B 76 -3.63 25.62 -2.14
N SER B 77 -4.16 24.61 -1.44
CA SER B 77 -4.12 24.52 0.02
C SER B 77 -4.06 23.03 0.37
N LEU B 78 -2.87 22.57 0.74
CA LEU B 78 -2.63 21.16 1.05
C LEU B 78 -3.49 20.70 2.24
N GLN B 79 -4.18 19.55 2.07
CA GLN B 79 -5.03 18.97 3.12
C GLN B 79 -4.48 17.61 3.57
N PRO B 80 -4.79 17.14 4.83
CA PRO B 80 -4.25 15.86 5.29
C PRO B 80 -4.54 14.65 4.38
N GLU B 81 -5.72 14.63 3.72
CA GLU B 81 -6.13 13.55 2.81
C GLU B 81 -5.34 13.53 1.47
N ASP B 82 -4.46 14.53 1.24
CA ASP B 82 -3.70 14.65 -0.02
C ASP B 82 -2.35 13.92 -0.02
N ILE B 83 -2.00 13.26 1.10
CA ILE B 83 -0.79 12.43 1.22
C ILE B 83 -0.91 11.36 0.14
N ALA B 84 0.03 11.38 -0.82
CA ALA B 84 -0.03 10.46 -1.96
C ALA B 84 1.17 10.66 -2.87
N THR B 85 1.30 9.82 -3.91
CA THR B 85 2.28 10.01 -4.99
C THR B 85 1.44 10.43 -6.19
N TYR B 86 1.86 11.50 -6.84
CA TYR B 86 1.17 12.12 -7.99
C TYR B 86 1.99 11.81 -9.25
N PHE B 87 1.34 11.44 -10.35
CA PHE B 87 2.02 11.13 -11.61
C PHE B 87 1.44 11.93 -12.74
N CYS B 88 2.30 12.42 -13.65
CA CYS B 88 1.79 13.01 -14.88
C CYS B 88 1.83 11.89 -15.94
N GLN B 89 1.11 12.06 -17.04
CA GLN B 89 1.07 11.05 -18.11
C GLN B 89 0.64 11.74 -19.40
N GLN B 90 1.37 11.48 -20.47
CA GLN B 90 1.02 12.03 -21.78
C GLN B 90 0.14 11.03 -22.54
N GLY B 91 -0.92 11.53 -23.16
CA GLY B 91 -1.82 10.72 -23.97
C GLY B 91 -1.81 11.20 -25.42
N ASN B 92 -0.69 11.80 -25.86
CA ASN B 92 -0.54 12.34 -27.21
C ASN B 92 -0.19 11.26 -28.24
N THR B 93 0.91 10.52 -28.00
CA THR B 93 1.46 9.52 -28.92
C THR B 93 1.74 8.24 -28.16
N ARG B 94 1.42 7.08 -28.77
CA ARG B 94 1.76 5.78 -28.19
C ARG B 94 3.28 5.56 -28.29
N PRO B 95 3.90 4.86 -27.33
CA PRO B 95 3.30 4.31 -26.10
C PRO B 95 2.98 5.41 -25.09
N TRP B 96 1.78 5.35 -24.45
CA TRP B 96 1.46 6.32 -23.39
C TRP B 96 2.54 6.18 -22.31
N THR B 97 3.03 7.31 -21.77
CA THR B 97 4.12 7.26 -20.79
C THR B 97 3.82 8.14 -19.63
N PHE B 98 4.33 7.75 -18.45
CA PHE B 98 4.12 8.40 -17.16
C PHE B 98 5.39 9.04 -16.67
N GLY B 99 5.24 10.10 -15.87
CA GLY B 99 6.37 10.70 -15.15
C GLY B 99 6.73 9.74 -14.02
N GLY B 100 7.87 9.97 -13.36
CA GLY B 100 8.35 9.08 -12.29
C GLY B 100 7.62 9.17 -10.97
N GLY B 101 6.72 10.15 -10.84
CA GLY B 101 5.94 10.41 -9.63
C GLY B 101 6.59 11.38 -8.66
N THR B 102 5.73 12.05 -7.87
CA THR B 102 6.18 12.99 -6.82
C THR B 102 5.45 12.58 -5.54
N LYS B 103 6.21 12.19 -4.49
CA LYS B 103 5.60 11.81 -3.20
C LYS B 103 5.36 13.11 -2.41
N VAL B 104 4.12 13.34 -2.01
CA VAL B 104 3.72 14.53 -1.23
C VAL B 104 3.54 14.09 0.22
N GLU B 105 4.28 14.76 1.12
CA GLU B 105 4.27 14.48 2.55
C GLU B 105 3.86 15.74 3.32
N ILE B 106 3.36 15.57 4.55
CA ILE B 106 2.94 16.71 5.36
C ILE B 106 3.89 16.99 6.53
N LYS B 107 4.27 18.27 6.68
CA LYS B 107 5.05 18.79 7.79
C LYS B 107 4.01 19.18 8.84
N ARG B 108 4.22 18.79 10.10
CA ARG B 108 3.32 19.18 11.18
C ARG B 108 4.14 19.31 12.46
N THR B 109 3.48 19.64 13.58
CA THR B 109 4.19 19.76 14.86
C THR B 109 4.66 18.41 15.36
N VAL B 110 5.68 18.42 16.23
CA VAL B 110 6.20 17.20 16.85
C VAL B 110 5.09 16.60 17.74
N ALA B 111 4.87 15.28 17.65
CA ALA B 111 3.89 14.55 18.44
C ALA B 111 4.58 13.33 19.04
N ALA B 112 4.49 13.16 20.36
CA ALA B 112 5.12 12.05 21.05
C ALA B 112 4.40 10.72 20.78
N PRO B 113 5.13 9.60 20.62
CA PRO B 113 4.44 8.32 20.47
C PRO B 113 3.92 7.79 21.80
N SER B 114 2.81 7.07 21.75
CA SER B 114 2.25 6.33 22.88
C SER B 114 2.86 4.96 22.65
N VAL B 115 3.48 4.37 23.68
CA VAL B 115 4.20 3.10 23.51
C VAL B 115 3.47 1.94 24.21
N PHE B 116 3.37 0.77 23.51
CA PHE B 116 2.72 -0.44 24.04
C PHE B 116 3.57 -1.66 23.76
N ILE B 117 3.60 -2.62 24.70
CA ILE B 117 4.36 -3.85 24.50
C ILE B 117 3.42 -5.07 24.59
N PHE B 118 3.64 -6.05 23.71
CA PHE B 118 2.83 -7.26 23.66
C PHE B 118 3.67 -8.51 23.80
N PRO B 119 3.37 -9.36 24.82
CA PRO B 119 4.09 -10.64 24.92
C PRO B 119 3.64 -11.61 23.82
N PRO B 120 4.41 -12.68 23.50
CA PRO B 120 3.91 -13.65 22.51
C PRO B 120 2.69 -14.38 23.07
N SER B 121 1.78 -14.81 22.20
CA SER B 121 0.59 -15.55 22.61
C SER B 121 0.97 -16.98 23.01
N ASP B 122 0.11 -17.66 23.79
CA ASP B 122 0.31 -19.05 24.19
C ASP B 122 0.27 -19.94 22.96
N GLU B 123 -0.64 -19.61 22.00
CA GLU B 123 -0.82 -20.31 20.72
C GLU B 123 0.48 -20.36 19.95
N GLN B 124 1.15 -19.19 19.77
CA GLN B 124 2.44 -19.08 19.08
C GLN B 124 3.53 -19.87 19.78
N LEU B 125 3.62 -19.75 21.11
CA LEU B 125 4.62 -20.45 21.90
C LEU B 125 4.55 -21.97 21.69
N LYS B 126 3.33 -22.51 21.58
CA LYS B 126 3.06 -23.94 21.33
C LYS B 126 3.56 -24.40 19.95
N SER B 127 3.87 -23.43 19.05
CA SER B 127 4.38 -23.66 17.71
C SER B 127 5.92 -23.67 17.64
N GLY B 128 6.59 -23.24 18.72
CA GLY B 128 8.04 -23.22 18.82
C GLY B 128 8.69 -21.87 18.52
N THR B 129 7.89 -20.81 18.36
CA THR B 129 8.37 -19.46 18.10
C THR B 129 7.74 -18.46 19.06
N ALA B 130 8.41 -17.32 19.29
CA ALA B 130 7.93 -16.25 20.14
C ALA B 130 8.19 -14.89 19.48
N SER B 131 7.13 -14.12 19.23
CA SER B 131 7.26 -12.79 18.67
C SER B 131 6.88 -11.81 19.77
N VAL B 132 7.75 -10.82 20.03
CA VAL B 132 7.48 -9.77 21.02
C VAL B 132 7.28 -8.50 20.21
N VAL B 133 6.15 -7.80 20.45
CA VAL B 133 5.80 -6.62 19.65
C VAL B 133 5.78 -5.35 20.49
N CYS B 134 6.43 -4.30 19.96
CA CYS B 134 6.43 -2.97 20.56
C CYS B 134 5.76 -2.04 19.55
N LEU B 135 4.75 -1.30 20.01
CA LEU B 135 4.00 -0.37 19.16
C LEU B 135 4.26 1.06 19.60
N LEU B 136 4.54 1.94 18.63
CA LEU B 136 4.75 3.38 18.80
C LEU B 136 3.60 3.98 18.03
N ASN B 137 2.67 4.56 18.75
CA ASN B 137 1.45 5.04 18.14
C ASN B 137 1.35 6.56 18.00
N ASN B 138 0.92 7.00 16.81
CA ASN B 138 0.63 8.39 16.40
C ASN B 138 1.69 9.43 16.80
N PHE B 139 2.85 9.36 16.13
CA PHE B 139 3.97 10.25 16.41
C PHE B 139 4.44 11.01 15.19
N TYR B 140 5.20 12.08 15.42
N TYR B 140 5.22 12.08 15.43
CA TYR B 140 5.82 12.93 14.41
CA TYR B 140 5.81 12.94 14.42
C TYR B 140 7.07 13.61 14.98
C TYR B 140 7.07 13.64 14.98
N PRO B 141 8.21 13.67 14.24
CA PRO B 141 8.47 13.13 12.88
C PRO B 141 8.69 11.61 12.85
N ARG B 142 8.86 11.04 11.64
CA ARG B 142 9.05 9.62 11.38
C ARG B 142 10.19 8.98 12.18
N GLU B 143 11.31 9.71 12.35
CA GLU B 143 12.52 9.25 13.04
C GLU B 143 12.25 8.83 14.49
N ALA B 144 12.52 7.55 14.81
CA ALA B 144 12.32 6.99 16.15
C ALA B 144 13.30 5.87 16.41
N LYS B 145 13.78 5.76 17.64
CA LYS B 145 14.73 4.74 18.02
C LYS B 145 14.10 3.76 18.99
N VAL B 146 14.07 2.48 18.60
CA VAL B 146 13.53 1.40 19.42
C VAL B 146 14.69 0.47 19.75
N GLN B 147 14.88 0.22 21.05
CA GLN B 147 15.93 -0.64 21.57
C GLN B 147 15.28 -1.74 22.39
N TRP B 148 15.64 -2.97 22.09
CA TRP B 148 15.13 -4.12 22.82
C TRP B 148 16.06 -4.52 23.94
N LYS B 149 15.49 -4.78 25.12
CA LYS B 149 16.22 -5.21 26.31
C LYS B 149 15.61 -6.52 26.79
N VAL B 150 16.45 -7.55 26.92
CA VAL B 150 16.07 -8.88 27.40
C VAL B 150 16.91 -9.12 28.67
N ASP B 151 16.28 -9.00 29.86
CA ASP B 151 16.86 -9.09 31.20
C ASP B 151 17.89 -7.96 31.44
N ASN B 152 17.54 -6.74 30.97
CA ASN B 152 18.30 -5.49 31.04
C ASN B 152 19.62 -5.58 30.22
N ALA B 153 19.56 -6.28 29.07
CA ALA B 153 20.67 -6.46 28.13
C ALA B 153 20.21 -6.13 26.71
N LEU B 154 20.89 -5.17 26.05
CA LEU B 154 20.60 -4.71 24.68
C LEU B 154 20.63 -5.85 23.65
N GLN B 155 19.66 -5.82 22.71
CA GLN B 155 19.53 -6.80 21.63
C GLN B 155 19.79 -6.19 20.27
N SER B 156 20.30 -7.00 19.32
CA SER B 156 20.58 -6.57 17.95
C SER B 156 20.47 -7.70 16.92
N GLY B 157 20.00 -7.36 15.72
CA GLY B 157 19.86 -8.29 14.61
C GLY B 157 18.62 -9.17 14.57
N ASN B 158 17.96 -9.36 15.73
CA ASN B 158 16.76 -10.19 15.88
C ASN B 158 15.44 -9.39 15.87
N SER B 159 15.47 -8.14 15.36
CA SER B 159 14.28 -7.28 15.30
C SER B 159 14.03 -6.64 13.93
N GLN B 160 12.75 -6.42 13.61
CA GLN B 160 12.34 -5.77 12.36
C GLN B 160 11.27 -4.73 12.64
N GLU B 161 11.35 -3.63 11.91
CA GLU B 161 10.42 -2.51 12.06
C GLU B 161 9.58 -2.33 10.82
N SER B 162 8.37 -1.81 11.04
CA SER B 162 7.45 -1.43 9.99
C SER B 162 6.83 -0.09 10.39
N VAL B 163 6.75 0.84 9.43
CA VAL B 163 6.17 2.16 9.64
C VAL B 163 4.99 2.34 8.71
N THR B 164 3.86 2.85 9.25
CA THR B 164 2.66 3.11 8.44
C THR B 164 2.90 4.32 7.55
N GLU B 165 2.04 4.51 6.55
CA GLU B 165 2.08 5.69 5.71
C GLU B 165 1.50 6.80 6.60
N GLN B 166 1.95 8.02 6.39
CA GLN B 166 1.48 9.16 7.15
C GLN B 166 -0.05 9.20 7.16
N ASP B 167 -0.64 9.28 8.37
CA ASP B 167 -2.08 9.27 8.59
C ASP B 167 -2.85 10.34 7.82
N SER B 168 -3.88 9.92 7.07
CA SER B 168 -4.75 10.77 6.23
C SER B 168 -5.54 11.83 7.01
N LYS B 169 -5.60 11.73 8.37
CA LYS B 169 -6.34 12.69 9.18
C LYS B 169 -5.46 13.62 10.02
N ASP B 170 -4.56 13.06 10.86
CA ASP B 170 -3.70 13.82 11.77
C ASP B 170 -2.22 13.91 11.35
N SER B 171 -1.88 13.29 10.20
CA SER B 171 -0.54 13.29 9.57
C SER B 171 0.58 12.68 10.45
N THR B 172 0.21 11.80 11.37
CA THR B 172 1.24 11.15 12.21
C THR B 172 1.61 9.79 11.62
N TYR B 173 2.65 9.17 12.19
CA TYR B 173 3.11 7.85 11.80
C TYR B 173 2.94 6.91 12.97
N SER B 174 2.87 5.61 12.69
CA SER B 174 2.86 4.58 13.73
C SER B 174 3.92 3.57 13.33
N LEU B 175 4.58 2.96 14.31
CA LEU B 175 5.67 2.04 14.08
C LEU B 175 5.52 0.79 14.93
N SER B 176 5.83 -0.36 14.34
CA SER B 176 5.85 -1.61 15.09
C SER B 176 7.26 -2.16 15.04
N SER B 177 7.76 -2.65 16.15
CA SER B 177 9.06 -3.30 16.21
C SER B 177 8.80 -4.70 16.71
N THR B 178 9.18 -5.70 15.92
CA THR B 178 8.97 -7.09 16.26
C THR B 178 10.30 -7.81 16.55
N LEU B 179 10.38 -8.38 17.75
CA LEU B 179 11.53 -9.13 18.23
C LEU B 179 11.23 -10.62 18.06
N THR B 180 11.99 -11.30 17.18
CA THR B 180 11.79 -12.73 16.95
C THR B 180 12.85 -13.52 17.67
N LEU B 181 12.40 -14.44 18.52
CA LEU B 181 13.25 -15.34 19.30
C LEU B 181 12.68 -16.74 19.19
N SER B 182 13.54 -17.76 19.39
CA SER B 182 13.09 -19.15 19.43
C SER B 182 12.36 -19.29 20.78
N LYS B 183 11.43 -20.25 20.90
CA LYS B 183 10.69 -20.52 22.14
C LYS B 183 11.70 -20.78 23.29
N ALA B 184 12.77 -21.57 23.01
CA ALA B 184 13.84 -21.89 23.96
C ALA B 184 14.50 -20.61 24.53
N ASP B 185 14.98 -19.70 23.64
CA ASP B 185 15.59 -18.42 24.06
C ASP B 185 14.60 -17.56 24.84
N TYR B 186 13.31 -17.52 24.39
CA TYR B 186 12.26 -16.75 25.08
C TYR B 186 11.99 -17.29 26.51
N GLU B 187 11.95 -18.63 26.66
CA GLU B 187 11.69 -19.28 27.95
C GLU B 187 12.86 -19.15 28.94
N LYS B 188 14.05 -18.78 28.44
CA LYS B 188 15.27 -18.61 29.26
C LYS B 188 15.27 -17.33 30.09
N HIS B 189 14.70 -16.23 29.57
CA HIS B 189 14.69 -14.92 30.23
C HIS B 189 13.34 -14.49 30.80
N LYS B 190 13.35 -13.50 31.74
CA LYS B 190 12.14 -12.99 32.40
C LYS B 190 11.68 -11.60 31.90
N VAL B 191 12.54 -10.57 32.01
CA VAL B 191 12.19 -9.19 31.66
C VAL B 191 12.39 -8.88 30.18
N TYR B 192 11.31 -8.41 29.53
CA TYR B 192 11.30 -8.01 28.13
C TYR B 192 10.86 -6.57 28.10
N ALA B 193 11.70 -5.71 27.53
CA ALA B 193 11.44 -4.27 27.47
C ALA B 193 11.83 -3.66 26.16
N CYS B 194 11.04 -2.67 25.72
CA CYS B 194 11.36 -1.87 24.54
C CYS B 194 11.50 -0.42 24.99
N GLU B 195 12.66 0.18 24.69
CA GLU B 195 13.01 1.55 25.05
C GLU B 195 12.88 2.39 23.81
N VAL B 196 12.04 3.43 23.90
CA VAL B 196 11.73 4.32 22.78
C VAL B 196 12.32 5.70 22.98
N THR B 197 13.08 6.15 21.97
CA THR B 197 13.70 7.47 21.94
C THR B 197 13.09 8.20 20.76
N HIS B 198 12.48 9.35 21.03
CA HIS B 198 11.80 10.18 20.03
C HIS B 198 11.83 11.65 20.46
N GLN B 199 11.83 12.57 19.47
CA GLN B 199 11.86 14.03 19.67
C GLN B 199 10.77 14.55 20.63
N GLY B 200 9.57 13.97 20.52
CA GLY B 200 8.41 14.32 21.33
C GLY B 200 8.47 13.83 22.76
N LEU B 201 9.46 12.97 23.07
CA LEU B 201 9.66 12.42 24.41
C LEU B 201 10.68 13.25 25.21
N SER B 202 10.36 13.53 26.47
CA SER B 202 11.23 14.28 27.38
C SER B 202 12.43 13.45 27.83
N SER B 203 12.28 12.10 27.76
CA SER B 203 13.24 11.10 28.24
C SER B 203 12.90 9.79 27.51
N PRO B 204 13.83 8.80 27.35
CA PRO B 204 13.43 7.54 26.68
C PRO B 204 12.35 6.82 27.48
N VAL B 205 11.31 6.33 26.78
CA VAL B 205 10.18 5.65 27.42
C VAL B 205 10.35 4.14 27.35
N THR B 206 10.26 3.47 28.51
CA THR B 206 10.37 2.02 28.55
C THR B 206 9.04 1.37 28.91
N LYS B 207 8.62 0.39 28.09
CA LYS B 207 7.43 -0.42 28.35
C LYS B 207 7.92 -1.84 28.52
N SER B 208 7.52 -2.50 29.61
CA SER B 208 8.00 -3.84 29.92
C SER B 208 6.93 -4.80 30.45
N PHE B 209 7.32 -6.09 30.52
CA PHE B 209 6.54 -7.19 31.08
C PHE B 209 7.50 -8.29 31.57
N ASN B 210 7.02 -9.13 32.51
CA ASN B 210 7.73 -10.27 33.04
C ASN B 210 7.05 -11.53 32.49
N ARG B 211 7.82 -12.43 31.82
CA ARG B 211 7.29 -13.69 31.30
C ARG B 211 6.91 -14.60 32.47
#